data_4PIT
#
_entry.id   4PIT
#
_cell.length_a   50.613
_cell.length_b   94.963
_cell.length_c   63.054
_cell.angle_alpha   90.000
_cell.angle_beta   97.600
_cell.angle_gamma   90.000
#
_symmetry.space_group_name_H-M   'P 1 21 1'
#
loop_
_entity.id
_entity.type
_entity.pdbx_description
1 polymer 'Ripening-associated protein'
2 branched alpha-D-mannopyranose-(1-2)-alpha-D-mannopyranose
3 non-polymer alpha-D-mannopyranose
4 non-polymer GLYCEROL
5 water water
#
_entity_poly.entity_id   1
_entity_poly.type   'polypeptide(L)'
_entity_poly.pdbx_seq_one_letter_code
;MNGAIKVGAWGGNGGSAFDMGPAYRIISVKIFSGDVVDGVDVTFTYYGKTETRHYGGSGGTPHEIVLQEGEYLVGMAGEV
ANYTGAVVLGKLGFSTNKKAYGPFGNTGGTPFSLPIAAGKISGFFGRGGKFLDAIGVYLEPLEHHHHHH
;
_entity_poly.pdbx_strand_id   A,B,C,D
#
# COMPACT_ATOMS: atom_id res chain seq x y z
N ALA A 4 3.70 4.20 2.77
CA ALA A 4 2.37 4.54 3.24
C ALA A 4 2.27 6.00 3.78
N ILE A 5 1.04 6.50 3.80
CA ILE A 5 0.73 7.84 4.29
C ILE A 5 -0.07 7.72 5.56
N LYS A 6 0.51 8.16 6.66
CA LYS A 6 -0.13 8.11 7.98
C LYS A 6 -0.16 9.50 8.55
N VAL A 7 -1.36 10.03 8.80
CA VAL A 7 -1.47 11.37 9.41
C VAL A 7 -2.10 11.25 10.79
N GLY A 8 -1.69 12.12 11.67
CA GLY A 8 -2.04 12.00 13.08
C GLY A 8 -0.85 11.31 13.75
N ALA A 9 -1.02 10.76 14.96
CA ALA A 9 -2.30 10.72 15.66
C ALA A 9 -2.55 12.01 16.44
N TRP A 10 -3.83 12.27 16.70
CA TRP A 10 -4.31 13.34 17.54
C TRP A 10 -4.72 12.70 18.85
N GLY A 11 -4.31 13.28 19.97
CA GLY A 11 -4.68 12.73 21.27
C GLY A 11 -3.51 12.76 22.22
N GLY A 12 -3.60 11.93 23.24
CA GLY A 12 -2.56 11.83 24.26
C GLY A 12 -1.57 10.72 24.05
N ASN A 13 -0.70 10.54 25.05
CA ASN A 13 0.37 9.56 25.03
C ASN A 13 0.15 8.36 25.94
N GLY A 14 -1.03 8.25 26.55
CA GLY A 14 -1.39 7.15 27.41
C GLY A 14 -1.86 5.94 26.63
N GLY A 15 -2.30 4.92 27.36
CA GLY A 15 -2.74 3.68 26.73
C GLY A 15 -1.63 2.94 26.03
N SER A 16 -2.00 2.02 25.12
CA SER A 16 -1.08 1.22 24.35
C SER A 16 -1.29 1.50 22.88
N ALA A 17 -0.22 1.42 22.11
CA ALA A 17 -0.33 1.66 20.69
C ALA A 17 -1.15 0.58 19.98
N PHE A 18 -1.92 1.00 18.94
CA PHE A 18 -2.61 0.08 18.03
C PHE A 18 -2.35 0.53 16.60
N ASP A 19 -2.45 -0.41 15.67
CA ASP A 19 -2.20 -0.14 14.27
C ASP A 19 -2.96 -1.15 13.44
N MET A 20 -4.05 -0.69 12.80
CA MET A 20 -4.87 -1.58 11.97
C MET A 20 -4.20 -1.90 10.67
N GLY A 21 -3.42 -0.95 10.16
CA GLY A 21 -2.93 -1.07 8.80
C GLY A 21 -4.05 -0.66 7.83
N PRO A 22 -3.75 -0.60 6.55
CA PRO A 22 -4.78 -0.21 5.57
C PRO A 22 -5.67 -1.39 5.18
N ALA A 23 -6.89 -1.06 4.80
CA ALA A 23 -7.90 -2.02 4.34
C ALA A 23 -8.12 -1.89 2.84
N TYR A 24 -8.66 -2.94 2.22
CA TYR A 24 -9.06 -2.79 0.83
C TYR A 24 -10.28 -1.87 0.75
N ARG A 25 -11.26 -2.09 1.62
CA ARG A 25 -12.45 -1.28 1.71
C ARG A 25 -12.91 -1.24 3.16
N ILE A 26 -13.29 -0.04 3.65
CA ILE A 26 -13.93 0.00 4.97
C ILE A 26 -15.42 -0.18 4.78
N ILE A 27 -16.03 -1.12 5.51
CA ILE A 27 -17.47 -1.38 5.44
C ILE A 27 -18.21 -0.51 6.48
N SER A 28 -17.68 -0.47 7.70
CA SER A 28 -18.30 0.35 8.74
C SER A 28 -17.31 0.74 9.81
N VAL A 29 -17.66 1.79 10.55
CA VAL A 29 -16.94 2.23 11.74
C VAL A 29 -18.00 2.41 12.81
N LYS A 30 -17.73 1.90 14.01
CA LYS A 30 -18.61 2.17 15.15
C LYS A 30 -17.80 3.00 16.10
N ILE A 31 -18.34 4.14 16.53
CA ILE A 31 -17.68 5.00 17.50
C ILE A 31 -18.39 4.78 18.83
N PHE A 32 -17.67 4.27 19.86
CA PHE A 32 -18.24 4.05 21.20
C PHE A 32 -18.00 5.29 22.03
N SER A 33 -19.06 5.95 22.50
CA SER A 33 -18.83 7.19 23.23
C SER A 33 -19.82 7.37 24.35
N GLY A 34 -19.41 8.21 25.30
CA GLY A 34 -20.25 8.62 26.41
C GLY A 34 -19.80 10.05 26.71
N ASP A 35 -19.18 10.27 27.88
CA ASP A 35 -18.57 11.56 28.18
C ASP A 35 -17.43 11.84 27.17
N VAL A 36 -16.68 10.79 26.80
CA VAL A 36 -15.58 10.92 25.83
C VAL A 36 -15.72 9.82 24.78
N VAL A 37 -14.72 9.65 23.94
CA VAL A 37 -14.72 8.56 22.97
C VAL A 37 -14.02 7.40 23.64
N ASP A 38 -14.79 6.32 23.87
CA ASP A 38 -14.27 5.12 24.51
C ASP A 38 -13.44 4.25 23.59
N GLY A 39 -13.88 4.10 22.34
CA GLY A 39 -13.15 3.26 21.41
C GLY A 39 -13.86 3.21 20.08
N VAL A 40 -13.34 2.36 19.20
CA VAL A 40 -13.89 2.22 17.86
CA VAL A 40 -13.90 2.19 17.85
C VAL A 40 -13.91 0.73 17.42
N ASP A 41 -14.88 0.37 16.61
CA ASP A 41 -14.91 -0.90 15.87
C ASP A 41 -14.70 -0.50 14.45
N VAL A 42 -13.96 -1.30 13.70
CA VAL A 42 -13.82 -1.08 12.26
C VAL A 42 -14.05 -2.41 11.58
N THR A 43 -14.99 -2.47 10.61
CA THR A 43 -15.27 -3.68 9.83
C THR A 43 -14.81 -3.38 8.42
N PHE A 44 -14.02 -4.29 7.82
CA PHE A 44 -13.40 -3.98 6.53
C PHE A 44 -13.02 -5.23 5.77
N THR A 45 -12.70 -5.07 4.47
CA THR A 45 -12.23 -6.20 3.67
C THR A 45 -10.72 -6.09 3.55
N TYR A 46 -10.07 -7.25 3.40
CA TYR A 46 -8.62 -7.34 3.43
C TYR A 46 -8.18 -8.63 2.73
N TYR A 47 -7.60 -8.49 1.54
CA TYR A 47 -7.07 -9.66 0.80
C TYR A 47 -8.10 -10.83 0.73
N GLY A 48 -9.35 -10.48 0.45
CA GLY A 48 -10.45 -11.43 0.26
C GLY A 48 -11.25 -11.73 1.50
N LYS A 49 -10.71 -11.39 2.68
CA LYS A 49 -11.35 -11.67 3.97
C LYS A 49 -12.13 -10.45 4.45
N THR A 50 -13.13 -10.67 5.30
CA THR A 50 -13.83 -9.61 5.99
C THR A 50 -13.38 -9.72 7.43
N GLU A 51 -12.99 -8.59 8.03
CA GLU A 51 -12.47 -8.56 9.39
C GLU A 51 -13.13 -7.45 10.19
N THR A 52 -13.17 -7.62 11.51
CA THR A 52 -13.64 -6.59 12.43
C THR A 52 -12.57 -6.47 13.50
N ARG A 53 -12.16 -5.24 13.80
CA ARG A 53 -11.20 -4.96 14.85
C ARG A 53 -11.76 -3.92 15.78
N HIS A 54 -11.42 -4.03 17.07
CA HIS A 54 -11.83 -3.08 18.09
C HIS A 54 -10.61 -2.46 18.71
N TYR A 55 -10.63 -1.14 18.85
CA TYR A 55 -9.52 -0.39 19.48
C TYR A 55 -10.05 0.48 20.59
N GLY A 56 -9.29 0.62 21.68
CA GLY A 56 -9.75 1.40 22.82
C GLY A 56 -10.63 0.54 23.70
N GLY A 57 -11.38 1.19 24.58
CA GLY A 57 -12.29 0.53 25.51
C GLY A 57 -13.64 0.28 24.87
N SER A 58 -14.55 -0.33 25.65
CA SER A 58 -15.87 -0.67 25.15
C SER A 58 -17.00 -0.17 26.02
N GLY A 59 -16.69 0.83 26.85
CA GLY A 59 -17.70 1.56 27.59
C GLY A 59 -18.40 2.45 26.59
N GLY A 60 -19.33 3.26 27.08
CA GLY A 60 -20.14 4.15 26.24
C GLY A 60 -21.12 3.36 25.42
N THR A 61 -21.65 4.01 24.39
CA THR A 61 -22.64 3.42 23.51
C THR A 61 -22.11 3.44 22.09
N PRO A 62 -22.29 2.38 21.28
CA PRO A 62 -21.81 2.42 19.89
C PRO A 62 -22.70 3.25 18.97
N HIS A 63 -22.07 3.96 18.02
CA HIS A 63 -22.72 4.77 16.98
C HIS A 63 -22.13 4.25 15.66
N GLU A 64 -22.92 3.54 14.86
CA GLU A 64 -22.38 2.93 13.64
C GLU A 64 -22.58 3.77 12.41
N ILE A 65 -21.53 3.83 11.59
CA ILE A 65 -21.58 4.43 10.26
C ILE A 65 -21.31 3.32 9.27
N VAL A 66 -22.32 2.93 8.45
CA VAL A 66 -22.14 1.94 7.41
C VAL A 66 -21.90 2.64 6.10
N LEU A 67 -20.84 2.28 5.39
CA LEU A 67 -20.52 2.83 4.07
C LEU A 67 -21.01 1.91 2.98
N GLN A 68 -21.77 2.46 2.04
CA GLN A 68 -22.22 1.69 0.89
C GLN A 68 -21.07 1.59 -0.12
N GLU A 69 -21.12 0.67 -1.12
CA GLU A 69 -20.06 0.65 -2.13
C GLU A 69 -20.13 1.98 -2.88
N GLY A 70 -18.98 2.59 -3.14
CA GLY A 70 -18.95 3.91 -3.75
C GLY A 70 -18.95 5.04 -2.72
N GLU A 71 -19.17 4.70 -1.43
CA GLU A 71 -19.12 5.68 -0.35
C GLU A 71 -17.83 5.46 0.40
N TYR A 72 -17.13 6.56 0.70
CA TYR A 72 -15.85 6.45 1.38
C TYR A 72 -15.67 7.58 2.37
N LEU A 73 -14.69 7.41 3.28
CA LEU A 73 -14.40 8.38 4.33
C LEU A 73 -13.45 9.44 3.81
N VAL A 74 -13.90 10.70 3.81
CA VAL A 74 -13.16 11.86 3.28
C VAL A 74 -12.87 12.90 4.36
N GLY A 75 -13.15 12.60 5.61
CA GLY A 75 -12.82 13.56 6.66
C GLY A 75 -12.91 12.89 8.02
N MET A 76 -12.14 13.43 8.97
CA MET A 76 -12.20 13.05 10.38
C MET A 76 -11.97 14.33 11.18
N ALA A 77 -12.66 14.51 12.30
CA ALA A 77 -12.48 15.71 13.13
C ALA A 77 -12.84 15.39 14.53
N GLY A 78 -12.42 16.22 15.47
CA GLY A 78 -12.79 15.93 16.85
C GLY A 78 -12.13 16.88 17.78
N GLU A 79 -12.11 16.52 19.07
CA GLU A 79 -11.53 17.38 20.11
C GLU A 79 -10.71 16.52 21.02
N VAL A 80 -9.49 16.97 21.34
CA VAL A 80 -8.62 16.26 22.27
C VAL A 80 -8.90 16.87 23.65
N ALA A 81 -9.40 16.06 24.56
CA ALA A 81 -9.85 16.56 25.85
C ALA A 81 -9.09 16.00 27.02
N ASN A 82 -9.23 16.70 28.15
CA ASN A 82 -8.68 16.28 29.41
C ASN A 82 -9.81 15.63 30.15
N TYR A 83 -9.65 14.37 30.54
CA TYR A 83 -10.70 13.61 31.21
C TYR A 83 -10.10 12.60 32.14
N THR A 84 -10.53 12.62 33.41
CA THR A 84 -10.05 11.71 34.46
C THR A 84 -8.50 11.68 34.53
N GLY A 85 -7.84 12.82 34.34
CA GLY A 85 -6.38 12.89 34.43
C GLY A 85 -5.64 12.34 33.23
N ALA A 86 -6.38 12.16 32.12
CA ALA A 86 -5.80 11.65 30.89
C ALA A 86 -6.13 12.59 29.74
N VAL A 87 -5.34 12.52 28.68
CA VAL A 87 -5.57 13.32 27.47
C VAL A 87 -6.06 12.32 26.44
N VAL A 88 -7.34 12.44 26.03
CA VAL A 88 -7.97 11.44 25.16
C VAL A 88 -8.82 12.13 24.13
N LEU A 89 -9.46 11.32 23.24
CA LEU A 89 -10.43 11.94 22.33
C LEU A 89 -11.71 12.24 23.10
N GLY A 90 -12.10 13.53 23.20
CA GLY A 90 -13.33 13.93 23.89
C GLY A 90 -14.52 13.82 22.94
N LYS A 91 -14.27 14.09 21.66
CA LYS A 91 -15.28 14.04 20.60
C LYS A 91 -14.62 13.51 19.34
N LEU A 92 -15.39 12.82 18.49
CA LEU A 92 -14.86 12.34 17.21
C LEU A 92 -16.01 12.28 16.21
N GLY A 93 -15.74 12.68 14.98
CA GLY A 93 -16.73 12.63 13.92
C GLY A 93 -16.04 12.29 12.60
N PHE A 94 -16.85 11.91 11.60
CA PHE A 94 -16.33 11.54 10.28
C PHE A 94 -17.20 12.10 9.21
N SER A 95 -16.60 12.34 8.04
CA SER A 95 -17.39 12.73 6.86
C SER A 95 -17.22 11.70 5.81
N THR A 96 -18.32 11.37 5.15
CA THR A 96 -18.22 10.53 3.96
C THR A 96 -18.37 11.47 2.78
N ASN A 97 -18.25 10.92 1.55
CA ASN A 97 -18.48 11.76 0.38
C ASN A 97 -19.98 12.10 0.22
N LYS A 98 -20.85 11.51 1.06
CA LYS A 98 -22.30 11.78 1.03
C LYS A 98 -22.74 12.72 2.17
N LYS A 99 -22.35 12.40 3.43
CA LYS A 99 -22.79 13.16 4.61
C LYS A 99 -21.72 13.23 5.67
N ALA A 100 -21.88 14.17 6.61
CA ALA A 100 -21.03 14.22 7.81
C ALA A 100 -21.80 13.62 8.97
N TYR A 101 -21.06 12.95 9.88
CA TYR A 101 -21.60 12.30 11.07
C TYR A 101 -20.89 12.75 12.32
N GLY A 102 -21.61 12.77 13.42
CA GLY A 102 -21.03 13.17 14.68
C GLY A 102 -21.49 14.56 15.05
N PRO A 103 -20.91 15.14 16.11
CA PRO A 103 -19.83 14.60 16.95
C PRO A 103 -20.32 13.47 17.81
N PHE A 104 -19.39 12.52 18.14
CA PHE A 104 -19.69 11.47 19.13
C PHE A 104 -18.79 11.69 20.32
N GLY A 105 -19.37 11.86 21.50
CA GLY A 105 -18.62 12.24 22.70
C GLY A 105 -19.02 13.65 23.14
N ASN A 106 -18.79 13.96 24.41
CA ASN A 106 -19.34 15.23 24.93
C ASN A 106 -18.32 16.10 25.63
N THR A 107 -17.03 15.75 25.58
CA THR A 107 -16.07 16.58 26.29
C THR A 107 -15.25 17.41 25.31
N GLY A 108 -15.35 18.72 25.50
CA GLY A 108 -14.65 19.66 24.69
C GLY A 108 -13.16 19.72 25.02
N GLY A 109 -12.39 20.15 24.04
CA GLY A 109 -10.96 20.28 24.22
C GLY A 109 -10.38 21.01 23.04
N THR A 110 -9.17 20.61 22.65
CA THR A 110 -8.47 21.22 21.53
C THR A 110 -9.01 20.62 20.24
N PRO A 111 -9.62 21.44 19.36
CA PRO A 111 -10.14 20.88 18.12
C PRO A 111 -9.06 20.46 17.14
N PHE A 112 -9.42 19.49 16.32
CA PHE A 112 -8.62 19.12 15.16
C PHE A 112 -9.58 18.77 14.05
N SER A 113 -9.08 18.86 12.81
CA SER A 113 -9.87 18.54 11.66
C SER A 113 -8.98 18.06 10.57
N LEU A 114 -9.50 17.11 9.80
CA LEU A 114 -8.76 16.59 8.66
C LEU A 114 -9.68 16.44 7.46
N PRO A 115 -9.86 17.55 6.73
CA PRO A 115 -10.57 17.47 5.45
C PRO A 115 -9.67 16.82 4.43
N ILE A 116 -10.18 15.86 3.63
CA ILE A 116 -9.37 15.20 2.60
C ILE A 116 -9.89 15.65 1.26
N ALA A 117 -9.20 16.64 0.65
CA ALA A 117 -9.63 17.20 -0.65
C ALA A 117 -9.46 16.18 -1.77
N ALA A 118 -8.45 15.32 -1.66
CA ALA A 118 -8.21 14.24 -2.65
C ALA A 118 -7.65 13.07 -1.93
N GLY A 119 -8.43 11.99 -1.89
CA GLY A 119 -8.06 10.77 -1.20
C GLY A 119 -9.16 10.27 -0.28
N LYS A 120 -8.80 9.22 0.46
CA LYS A 120 -9.74 8.60 1.39
C LYS A 120 -9.01 7.99 2.56
N ILE A 121 -9.74 7.79 3.67
CA ILE A 121 -9.18 7.07 4.83
C ILE A 121 -9.28 5.57 4.54
N SER A 122 -8.17 4.85 4.68
CA SER A 122 -8.18 3.41 4.44
C SER A 122 -7.92 2.59 5.71
N GLY A 123 -7.65 3.24 6.84
CA GLY A 123 -7.38 2.49 8.05
C GLY A 123 -7.00 3.42 9.18
N PHE A 124 -6.78 2.84 10.37
CA PHE A 124 -6.53 3.60 11.55
C PHE A 124 -5.32 3.13 12.34
N PHE A 125 -4.80 4.04 13.15
CA PHE A 125 -3.74 3.71 14.13
C PHE A 125 -3.93 4.68 15.28
N GLY A 126 -3.25 4.43 16.39
CA GLY A 126 -3.39 5.34 17.51
C GLY A 126 -2.99 4.70 18.81
N ARG A 127 -3.64 5.13 19.89
CA ARG A 127 -3.43 4.57 21.23
C ARG A 127 -4.74 4.35 21.91
N GLY A 128 -4.85 3.27 22.69
CA GLY A 128 -6.07 3.04 23.44
C GLY A 128 -5.82 2.41 24.80
N GLY A 129 -6.72 2.66 25.74
CA GLY A 129 -6.64 2.05 27.07
C GLY A 129 -8.07 1.80 27.50
N LYS A 130 -8.51 2.49 28.56
CA LYS A 130 -9.91 2.44 28.94
C LYS A 130 -10.70 3.26 27.93
N PHE A 131 -10.07 4.31 27.38
CA PHE A 131 -10.69 5.18 26.39
C PHE A 131 -9.83 5.24 25.13
N LEU A 132 -10.25 6.07 24.16
CA LEU A 132 -9.47 6.19 22.94
C LEU A 132 -8.48 7.33 23.13
N ASP A 133 -7.24 6.98 23.55
CA ASP A 133 -6.25 8.00 23.86
C ASP A 133 -5.86 8.82 22.66
N ALA A 134 -5.74 8.16 21.48
CA ALA A 134 -5.27 8.89 20.28
C ALA A 134 -5.71 8.18 19.04
N ILE A 135 -5.89 8.93 17.93
CA ILE A 135 -6.27 8.29 16.68
C ILE A 135 -5.63 9.00 15.52
N GLY A 136 -5.22 8.23 14.54
CA GLY A 136 -4.69 8.72 13.28
C GLY A 136 -5.21 7.84 12.15
N VAL A 137 -4.92 8.26 10.93
CA VAL A 137 -5.43 7.53 9.79
C VAL A 137 -4.40 7.25 8.73
N TYR A 138 -4.62 6.14 8.02
CA TYR A 138 -3.94 5.86 6.76
C TYR A 138 -4.73 6.53 5.64
N LEU A 139 -4.01 7.14 4.69
CA LEU A 139 -4.64 7.76 3.53
C LEU A 139 -4.22 7.07 2.27
N GLU A 140 -5.17 6.98 1.34
CA GLU A 140 -4.96 6.40 0.03
C GLU A 140 -5.57 7.28 -1.03
N PRO A 141 -5.04 7.24 -2.27
CA PRO A 141 -5.67 8.06 -3.30
C PRO A 141 -6.98 7.45 -3.76
N LEU A 142 -7.78 8.26 -4.43
CA LEU A 142 -9.01 7.77 -5.05
C LEU A 142 -8.67 6.93 -6.30
N GLU A 143 -9.54 5.95 -6.61
CA GLU A 143 -9.34 5.04 -7.75
C GLU A 143 -9.81 5.69 -9.06
N MET B 1 -5.36 14.12 -9.32
CA MET B 1 -4.98 13.30 -10.46
C MET B 1 -3.67 12.56 -10.20
N ASN B 2 -3.46 11.45 -10.91
CA ASN B 2 -2.26 10.61 -10.88
C ASN B 2 -1.85 10.20 -9.46
N GLY B 3 -2.86 9.89 -8.64
CA GLY B 3 -2.64 9.35 -7.32
C GLY B 3 -2.35 10.36 -6.24
N ALA B 4 -2.69 11.66 -6.47
CA ALA B 4 -2.37 12.67 -5.45
C ALA B 4 -3.19 12.49 -4.19
N ILE B 5 -2.60 12.89 -3.08
CA ILE B 5 -3.32 12.96 -1.80
C ILE B 5 -3.24 14.40 -1.33
N LYS B 6 -4.40 15.03 -1.13
CA LYS B 6 -4.48 16.43 -0.70
C LYS B 6 -5.28 16.50 0.56
N VAL B 7 -4.73 17.13 1.58
CA VAL B 7 -5.45 17.32 2.85
C VAL B 7 -5.55 18.83 3.13
N GLY B 8 -6.62 19.20 3.81
CA GLY B 8 -6.94 20.60 3.94
C GLY B 8 -7.94 20.98 2.85
N ALA B 9 -8.11 22.26 2.55
CA ALA B 9 -7.43 23.37 3.17
C ALA B 9 -8.06 23.74 4.50
N TRP B 10 -7.26 24.34 5.37
CA TRP B 10 -7.70 24.92 6.62
C TRP B 10 -7.77 26.41 6.43
N GLY B 11 -8.86 27.02 6.89
CA GLY B 11 -9.08 28.46 6.75
C GLY B 11 -10.45 28.75 6.19
N GLY B 12 -10.55 29.92 5.57
CA GLY B 12 -11.80 30.44 5.04
C GLY B 12 -12.04 30.22 3.57
N ASN B 13 -13.20 30.69 3.11
CA ASN B 13 -13.63 30.53 1.73
C ASN B 13 -13.50 31.79 0.87
N GLY B 14 -12.92 32.85 1.44
CA GLY B 14 -12.69 34.08 0.71
C GLY B 14 -11.49 34.01 -0.18
N GLY B 15 -11.12 35.14 -0.79
CA GLY B 15 -9.96 35.15 -1.67
C GLY B 15 -10.14 34.34 -2.96
N SER B 16 -9.02 34.01 -3.61
CA SER B 16 -9.01 33.23 -4.85
C SER B 16 -8.23 31.93 -4.62
N ALA B 17 -8.73 30.83 -5.14
CA ALA B 17 -8.00 29.57 -4.95
C ALA B 17 -6.71 29.54 -5.71
N PHE B 18 -5.74 28.88 -5.13
CA PHE B 18 -4.47 28.59 -5.78
C PHE B 18 -4.15 27.12 -5.58
N ASP B 19 -3.31 26.57 -6.48
CA ASP B 19 -2.95 25.17 -6.40
C ASP B 19 -1.64 24.97 -7.16
N MET B 20 -0.56 24.73 -6.41
CA MET B 20 0.79 24.53 -6.95
C MET B 20 0.92 23.17 -7.64
N GLY B 21 0.15 22.19 -7.19
CA GLY B 21 0.30 20.84 -7.66
C GLY B 21 1.40 20.14 -6.85
N PRO B 22 1.60 18.84 -7.15
CA PRO B 22 2.57 18.04 -6.39
C PRO B 22 3.87 17.71 -7.11
N ALA B 23 4.15 18.32 -8.26
CA ALA B 23 5.29 17.90 -9.07
C ALA B 23 6.62 18.55 -8.75
N TYR B 24 6.63 19.64 -7.98
CA TYR B 24 7.86 20.43 -7.81
C TYR B 24 8.60 20.10 -6.55
N ARG B 25 9.90 20.48 -6.51
CA ARG B 25 10.69 20.28 -5.31
C ARG B 25 10.69 21.58 -4.52
N ILE B 26 10.01 21.60 -3.38
CA ILE B 26 9.99 22.79 -2.53
C ILE B 26 11.38 22.99 -1.96
N ILE B 27 11.95 24.21 -2.10
CA ILE B 27 13.27 24.46 -1.48
C ILE B 27 13.15 25.47 -0.34
N SER B 28 12.15 26.38 -0.36
CA SER B 28 11.96 27.30 0.77
C SER B 28 10.55 27.83 0.77
N VAL B 29 10.10 28.21 1.97
CA VAL B 29 8.81 28.80 2.19
C VAL B 29 9.05 30.09 2.97
N LYS B 30 8.49 31.20 2.51
CA LYS B 30 8.64 32.48 3.21
C LYS B 30 7.25 32.86 3.66
N ILE B 31 7.03 32.89 4.97
CA ILE B 31 5.71 33.22 5.51
C ILE B 31 5.71 34.69 5.91
N PHE B 32 4.75 35.49 5.39
CA PHE B 32 4.62 36.92 5.72
C PHE B 32 3.54 37.06 6.73
N SER B 33 3.85 37.65 7.88
CA SER B 33 2.83 37.74 8.90
C SER B 33 2.95 38.99 9.72
N GLY B 34 1.85 39.32 10.38
CA GLY B 34 1.82 40.43 11.34
C GLY B 34 0.83 40.01 12.40
N ASP B 35 -0.34 40.69 12.43
CA ASP B 35 -1.43 40.23 13.29
C ASP B 35 -1.87 38.82 12.83
N VAL B 36 -1.89 38.63 11.50
CA VAL B 36 -2.30 37.35 10.90
C VAL B 36 -1.27 36.92 9.86
N VAL B 37 -1.57 35.83 9.14
CA VAL B 37 -0.68 35.40 8.06
C VAL B 37 -1.15 36.13 6.81
N ASP B 38 -0.31 37.06 6.32
CA ASP B 38 -0.64 37.85 5.15
C ASP B 38 -0.49 37.07 3.87
N GLY B 39 0.52 36.21 3.80
CA GLY B 39 0.74 35.51 2.55
C GLY B 39 1.95 34.65 2.64
N VAL B 40 2.25 33.93 1.57
N VAL B 40 2.29 34.01 1.55
CA VAL B 40 3.40 33.01 1.55
CA VAL B 40 3.46 33.14 1.48
C VAL B 40 4.06 33.01 0.17
C VAL B 40 4.13 33.25 0.15
N ASP B 41 5.42 32.98 0.13
CA ASP B 41 6.18 32.78 -1.10
C ASP B 41 6.60 31.32 -1.05
N VAL B 42 6.37 30.57 -2.11
CA VAL B 42 6.89 29.21 -2.16
C VAL B 42 7.90 29.20 -3.26
N THR B 43 9.13 28.78 -2.93
CA THR B 43 10.21 28.69 -3.94
C THR B 43 10.50 27.24 -4.17
N PHE B 44 10.55 26.86 -5.45
CA PHE B 44 10.75 25.47 -5.79
C PHE B 44 11.63 25.33 -7.01
N THR B 45 12.16 24.12 -7.23
CA THR B 45 12.94 23.82 -8.41
C THR B 45 12.22 22.74 -9.21
N TYR B 46 12.43 22.77 -10.51
CA TYR B 46 11.81 21.80 -11.42
C TYR B 46 12.63 21.82 -12.66
N TYR B 47 13.21 20.65 -13.04
CA TYR B 47 14.09 20.55 -14.22
C TYR B 47 15.22 21.62 -14.25
N GLY B 48 15.83 21.85 -13.08
CA GLY B 48 16.94 22.80 -12.95
C GLY B 48 16.58 24.29 -12.93
N LYS B 49 15.28 24.62 -12.94
CA LYS B 49 14.83 26.01 -12.91
C LYS B 49 14.24 26.31 -11.54
N THR B 50 14.55 27.49 -10.98
CA THR B 50 14.03 27.95 -9.70
C THR B 50 12.95 28.98 -9.97
N GLU B 51 11.78 28.84 -9.30
CA GLU B 51 10.66 29.76 -9.44
C GLU B 51 10.11 30.06 -8.08
N THR B 52 9.51 31.23 -7.92
CA THR B 52 8.83 31.61 -6.68
C THR B 52 7.42 32.03 -7.00
N ARG B 53 6.44 31.48 -6.27
CA ARG B 53 5.06 31.91 -6.42
C ARG B 53 4.64 32.55 -5.14
N HIS B 54 3.92 33.69 -5.22
CA HIS B 54 3.40 34.41 -4.07
C HIS B 54 1.90 34.22 -3.98
N TYR B 55 1.41 33.90 -2.79
CA TYR B 55 -0.02 33.74 -2.53
C TYR B 55 -0.42 34.62 -1.37
N GLY B 56 -1.60 35.22 -1.44
CA GLY B 56 -2.02 36.14 -0.40
C GLY B 56 -1.59 37.57 -0.73
N GLY B 57 -1.67 38.44 0.26
CA GLY B 57 -1.44 39.88 0.13
C GLY B 57 -0.01 40.33 0.28
N SER B 58 0.17 41.66 0.35
CA SER B 58 1.50 42.25 0.38
C SER B 58 2.01 42.69 1.76
N GLY B 59 1.19 42.55 2.80
CA GLY B 59 1.56 42.98 4.15
C GLY B 59 2.40 42.01 4.94
N GLY B 60 2.70 42.35 6.18
CA GLY B 60 3.47 41.51 7.08
C GLY B 60 4.96 41.48 6.86
N THR B 61 5.62 40.83 7.80
CA THR B 61 7.07 40.67 7.90
C THR B 61 7.44 39.24 7.46
N PRO B 62 8.50 39.02 6.66
CA PRO B 62 8.83 37.66 6.23
C PRO B 62 9.57 36.83 7.29
N HIS B 63 9.29 35.53 7.27
CA HIS B 63 9.92 34.51 8.10
C HIS B 63 10.22 33.33 7.19
N GLU B 64 11.50 33.01 6.96
CA GLU B 64 11.87 31.98 5.99
C GLU B 64 12.18 30.65 6.60
N ILE B 65 11.75 29.62 5.87
CA ILE B 65 12.05 28.23 6.12
C ILE B 65 12.84 27.77 4.91
N VAL B 66 14.17 27.65 5.04
CA VAL B 66 15.02 27.23 3.91
C VAL B 66 15.43 25.81 4.16
N LEU B 67 14.95 24.88 3.33
CA LEU B 67 15.25 23.47 3.54
C LEU B 67 16.70 23.11 3.23
N GLN B 68 17.37 22.47 4.19
CA GLN B 68 18.74 22.00 3.99
C GLN B 68 18.69 20.67 3.19
N GLU B 69 19.86 20.18 2.71
CA GLU B 69 19.87 18.89 2.02
C GLU B 69 19.40 17.84 3.02
N GLY B 70 18.47 17.01 2.59
CA GLY B 70 17.91 15.95 3.44
C GLY B 70 16.86 16.43 4.43
N GLU B 71 16.41 17.69 4.31
CA GLU B 71 15.39 18.24 5.19
C GLU B 71 14.09 18.34 4.42
N TYR B 72 13.00 17.91 5.05
CA TYR B 72 11.69 17.96 4.40
C TYR B 72 10.63 18.35 5.39
N LEU B 73 9.49 18.85 4.86
CA LEU B 73 8.37 19.29 5.68
C LEU B 73 7.54 18.11 6.13
N VAL B 74 7.38 17.93 7.45
CA VAL B 74 6.66 16.76 7.98
C VAL B 74 5.50 17.15 8.89
N GLY B 75 5.18 18.44 8.94
CA GLY B 75 4.08 18.86 9.76
C GLY B 75 3.69 20.29 9.45
N MET B 76 2.44 20.61 9.75
CA MET B 76 1.90 21.95 9.59
C MET B 76 0.87 22.16 10.65
N ALA B 77 0.80 23.37 11.22
CA ALA B 77 -0.22 23.65 12.22
C ALA B 77 -0.48 25.13 12.27
N GLY B 78 -1.55 25.53 12.94
CA GLY B 78 -1.81 26.95 13.09
C GLY B 78 -3.16 27.19 13.67
N GLU B 79 -3.71 28.38 13.39
CA GLU B 79 -5.00 28.83 13.89
C GLU B 79 -5.79 29.51 12.81
N VAL B 80 -7.08 29.19 12.72
CA VAL B 80 -8.02 29.84 11.80
C VAL B 80 -8.69 30.92 12.61
N ALA B 81 -8.54 32.19 12.18
CA ALA B 81 -9.04 33.33 12.94
C ALA B 81 -10.00 34.18 12.18
N ASN B 82 -10.80 34.95 12.93
CA ASN B 82 -11.69 35.95 12.36
C ASN B 82 -10.95 37.25 12.43
N TYR B 83 -10.68 37.88 11.32
CA TYR B 83 -9.89 39.10 11.32
C TYR B 83 -10.39 40.02 10.23
N THR B 84 -10.76 41.27 10.61
CA THR B 84 -11.33 42.27 9.68
C THR B 84 -12.60 41.72 8.97
N GLY B 85 -13.30 40.80 9.64
CA GLY B 85 -14.50 40.17 9.09
C GLY B 85 -14.24 39.02 8.16
N ALA B 86 -12.95 38.63 7.97
CA ALA B 86 -12.60 37.51 7.11
C ALA B 86 -12.14 36.34 7.95
N VAL B 87 -12.30 35.12 7.41
CA VAL B 87 -11.86 33.89 8.07
C VAL B 87 -10.52 33.57 7.41
N VAL B 88 -9.43 33.74 8.15
CA VAL B 88 -8.09 33.56 7.55
C VAL B 88 -7.17 32.80 8.48
N LEU B 89 -5.94 32.54 8.03
CA LEU B 89 -4.97 31.93 8.91
C LEU B 89 -4.45 33.01 9.82
N GLY B 90 -4.75 32.88 11.12
CA GLY B 90 -4.22 33.80 12.12
C GLY B 90 -2.78 33.49 12.54
N LYS B 91 -2.43 32.19 12.48
CA LYS B 91 -1.10 31.67 12.82
C LYS B 91 -0.80 30.51 11.90
N LEU B 92 0.46 30.34 11.54
CA LEU B 92 0.88 29.20 10.70
C LEU B 92 2.31 28.82 11.03
N GLY B 93 2.51 27.54 11.23
CA GLY B 93 3.85 27.04 11.43
C GLY B 93 4.07 25.71 10.74
N PHE B 94 5.33 25.26 10.72
CA PHE B 94 5.70 23.98 10.10
C PHE B 94 6.75 23.29 10.90
N SER B 95 6.80 21.96 10.76
CA SER B 95 7.84 21.11 11.32
C SER B 95 8.59 20.46 10.19
N THR B 96 9.91 20.34 10.32
CA THR B 96 10.69 19.54 9.41
C THR B 96 11.23 18.38 10.22
N ASN B 97 11.93 17.46 9.57
CA ASN B 97 12.55 16.36 10.29
C ASN B 97 13.74 16.88 11.13
N LYS B 98 14.12 18.17 10.97
CA LYS B 98 15.23 18.77 11.70
C LYS B 98 14.75 19.68 12.83
N LYS B 99 13.67 20.47 12.62
CA LYS B 99 13.20 21.34 13.69
C LYS B 99 11.82 21.91 13.42
N ALA B 100 11.30 22.63 14.41
CA ALA B 100 10.03 23.33 14.33
C ALA B 100 10.24 24.79 13.93
N TYR B 101 9.32 25.32 13.11
CA TYR B 101 9.38 26.70 12.67
C TYR B 101 8.09 27.38 13.02
N GLY B 102 8.20 28.59 13.58
CA GLY B 102 7.03 29.32 13.96
C GLY B 102 6.35 28.77 15.19
N PRO B 103 5.03 28.90 15.28
CA PRO B 103 4.12 29.51 14.29
C PRO B 103 4.33 31.01 14.17
N PHE B 104 3.95 31.55 13.01
CA PHE B 104 4.03 32.97 12.70
C PHE B 104 2.64 33.51 12.61
N GLY B 105 2.44 34.70 13.14
CA GLY B 105 1.11 35.32 13.23
C GLY B 105 0.74 35.47 14.69
N ASN B 106 -0.19 36.39 15.00
CA ASN B 106 -0.50 36.71 16.39
C ASN B 106 -1.97 36.65 16.74
N THR B 107 -2.81 36.02 15.91
CA THR B 107 -4.23 35.97 16.19
C THR B 107 -4.69 34.51 16.31
N GLY B 108 -5.25 34.21 17.48
CA GLY B 108 -5.77 32.89 17.75
C GLY B 108 -7.18 32.75 17.25
N GLY B 109 -7.67 31.53 17.23
CA GLY B 109 -9.03 31.25 16.84
C GLY B 109 -9.35 29.78 17.03
N THR B 110 -9.46 29.06 15.93
CA THR B 110 -9.72 27.62 15.98
C THR B 110 -8.44 26.92 15.60
N PRO B 111 -7.78 26.19 16.50
CA PRO B 111 -6.54 25.53 16.10
C PRO B 111 -6.73 24.40 15.09
N PHE B 112 -5.69 24.16 14.30
CA PHE B 112 -5.62 22.99 13.45
C PHE B 112 -4.21 22.44 13.55
N SER B 113 -4.07 21.16 13.28
CA SER B 113 -2.76 20.54 13.33
C SER B 113 -2.69 19.37 12.40
N LEU B 114 -1.54 19.26 11.70
CA LEU B 114 -1.29 18.16 10.83
C LEU B 114 0.02 17.47 11.17
N PRO B 115 0.00 16.58 12.19
CA PRO B 115 1.18 15.74 12.44
C PRO B 115 1.20 14.65 11.37
N ILE B 116 2.37 14.35 10.79
CA ILE B 116 2.47 13.34 9.74
C ILE B 116 3.36 12.22 10.29
N ALA B 117 2.74 11.13 10.73
CA ALA B 117 3.48 10.00 11.28
C ALA B 117 4.35 9.32 10.21
N ALA B 118 3.84 9.25 8.98
CA ALA B 118 4.59 8.70 7.85
C ALA B 118 4.22 9.46 6.60
N GLY B 119 5.19 10.18 6.07
CA GLY B 119 5.02 10.97 4.86
C GLY B 119 5.61 12.34 4.99
N LYS B 120 5.45 13.13 3.93
CA LYS B 120 5.99 14.49 3.92
C LYS B 120 5.14 15.33 2.98
N ILE B 121 5.27 16.65 3.14
CA ILE B 121 4.54 17.60 2.30
C ILE B 121 5.26 17.74 0.98
N SER B 122 4.49 17.65 -0.12
CA SER B 122 5.13 17.77 -1.44
C SER B 122 4.60 18.93 -2.30
N GLY B 123 3.66 19.73 -1.78
CA GLY B 123 3.12 20.85 -2.53
C GLY B 123 2.05 21.52 -1.69
N PHE B 124 1.57 22.64 -2.19
CA PHE B 124 0.58 23.46 -1.50
C PHE B 124 -0.58 23.84 -2.37
N PHE B 125 -1.70 24.07 -1.72
CA PHE B 125 -2.88 24.67 -2.35
C PHE B 125 -3.56 25.50 -1.26
N GLY B 126 -4.55 26.31 -1.63
CA GLY B 126 -5.28 27.09 -0.64
C GLY B 126 -6.00 28.25 -1.27
N ARG B 127 -6.15 29.34 -0.52
CA ARG B 127 -6.85 30.52 -1.02
C ARG B 127 -6.14 31.75 -0.47
N GLY B 128 -6.06 32.78 -1.29
CA GLY B 128 -5.41 34.02 -0.89
C GLY B 128 -6.14 35.25 -1.39
N GLY B 129 -6.09 36.31 -0.60
CA GLY B 129 -6.71 37.60 -0.94
C GLY B 129 -5.80 38.68 -0.39
N LYS B 130 -6.33 39.54 0.48
CA LYS B 130 -5.47 40.47 1.19
C LYS B 130 -4.57 39.72 2.17
N PHE B 131 -5.10 38.63 2.76
CA PHE B 131 -4.37 37.77 3.68
C PHE B 131 -4.39 36.34 3.13
N LEU B 132 -3.79 35.41 3.87
CA LEU B 132 -3.81 34.03 3.46
C LEU B 132 -5.08 33.39 4.02
N ASP B 133 -6.13 33.33 3.18
CA ASP B 133 -7.42 32.77 3.61
C ASP B 133 -7.34 31.33 4.02
N ALA B 134 -6.59 30.51 3.25
CA ALA B 134 -6.57 29.07 3.56
C ALA B 134 -5.33 28.41 3.00
N ILE B 135 -4.96 27.29 3.59
CA ILE B 135 -3.82 26.51 3.09
C ILE B 135 -4.10 25.03 3.27
N GLY B 136 -3.65 24.24 2.30
CA GLY B 136 -3.68 22.79 2.35
C GLY B 136 -2.41 22.26 1.71
N VAL B 137 -2.21 20.94 1.83
CA VAL B 137 -0.98 20.33 1.34
C VAL B 137 -1.20 19.06 0.56
N TYR B 138 -0.29 18.80 -0.36
CA TYR B 138 -0.13 17.50 -1.03
C TYR B 138 0.78 16.67 -0.18
N LEU B 139 0.56 15.32 -0.13
CA LEU B 139 1.42 14.43 0.66
C LEU B 139 2.02 13.36 -0.21
N GLU B 140 3.18 12.87 0.21
CA GLU B 140 3.80 11.72 -0.44
C GLU B 140 4.59 10.97 0.62
N PRO B 141 4.90 9.69 0.40
CA PRO B 141 5.63 8.94 1.43
C PRO B 141 7.05 9.47 1.63
N LEU B 142 7.67 9.12 2.76
CA LEU B 142 9.05 9.50 3.06
C LEU B 142 10.02 8.86 2.07
N GLU B 143 9.71 7.63 1.64
CA GLU B 143 10.50 6.89 0.66
C GLU B 143 9.64 5.83 -0.02
N HIS B 144 10.19 5.23 -1.11
CA HIS B 144 9.70 4.15 -2.00
C HIS B 144 9.23 4.74 -3.32
N GLY C 3 3.42 -4.31 5.07
CA GLY C 3 2.14 -4.90 4.69
C GLY C 3 1.95 -5.03 3.18
N ALA C 4 3.05 -5.01 2.43
CA ALA C 4 2.96 -5.14 0.97
C ALA C 4 3.02 -6.64 0.59
N ILE C 5 2.70 -6.93 -0.66
CA ILE C 5 2.84 -8.27 -1.22
C ILE C 5 3.96 -8.20 -2.21
N LYS C 6 5.06 -8.90 -1.94
CA LYS C 6 6.26 -8.90 -2.79
C LYS C 6 6.60 -10.33 -3.12
N VAL C 7 6.56 -10.68 -4.42
CA VAL C 7 6.87 -12.06 -4.83
C VAL C 7 8.11 -12.03 -5.69
N GLY C 8 8.88 -13.11 -5.61
CA GLY C 8 10.21 -13.13 -6.19
C GLY C 8 11.19 -12.75 -5.07
N ALA C 9 12.40 -12.31 -5.39
CA ALA C 9 12.91 -12.15 -6.75
C ALA C 9 13.38 -13.45 -7.35
N TRP C 10 13.35 -13.49 -8.67
CA TRP C 10 13.92 -14.60 -9.45
C TRP C 10 15.23 -14.12 -10.02
N GLY C 11 16.27 -14.93 -9.89
CA GLY C 11 17.57 -14.54 -10.39
C GLY C 11 18.67 -14.85 -9.40
N GLY C 12 19.81 -14.19 -9.61
CA GLY C 12 21.00 -14.37 -8.78
C GLY C 12 21.11 -13.46 -7.58
N ASN C 13 22.23 -13.66 -6.84
CA ASN C 13 22.51 -12.91 -5.62
C ASN C 13 23.58 -11.83 -5.83
N GLY C 14 24.05 -11.68 -7.08
CA GLY C 14 25.03 -10.67 -7.41
C GLY C 14 24.44 -9.28 -7.52
N GLY C 15 25.28 -8.32 -7.93
CA GLY C 15 24.82 -6.95 -8.08
C GLY C 15 24.41 -6.30 -6.77
N SER C 16 23.69 -5.19 -6.87
CA SER C 16 23.20 -4.43 -5.71
C SER C 16 21.69 -4.43 -5.72
N ALA C 17 21.10 -4.40 -4.55
CA ALA C 17 19.67 -4.39 -4.41
C ALA C 17 19.06 -3.09 -4.93
N PHE C 18 17.86 -3.21 -5.55
CA PHE C 18 17.02 -2.07 -5.90
C PHE C 18 15.60 -2.37 -5.45
N ASP C 19 14.83 -1.30 -5.22
CA ASP C 19 13.48 -1.44 -4.78
C ASP C 19 12.72 -0.21 -5.19
N MET C 20 11.85 -0.36 -6.22
CA MET C 20 11.09 0.77 -6.71
C MET C 20 9.98 1.17 -5.75
N GLY C 21 9.45 0.18 -5.04
CA GLY C 21 8.23 0.36 -4.27
C GLY C 21 7.04 0.34 -5.23
N PRO C 22 5.81 0.42 -4.71
CA PRO C 22 4.63 0.38 -5.57
C PRO C 22 4.30 1.75 -6.17
N ALA C 23 3.69 1.70 -7.34
CA ALA C 23 3.24 2.86 -8.08
C ALA C 23 1.72 2.99 -8.03
N TYR C 24 1.21 4.21 -8.28
CA TYR C 24 -0.23 4.36 -8.42
C TYR C 24 -0.67 3.66 -9.72
N ARG C 25 0.08 3.92 -10.81
CA ARG C 25 -0.17 3.33 -12.11
CA ARG C 25 -0.18 3.34 -12.12
C ARG C 25 1.13 3.19 -12.86
N ILE C 26 1.35 2.02 -13.50
CA ILE C 26 2.51 1.86 -14.34
C ILE C 26 2.09 2.31 -15.73
N ILE C 27 2.86 3.24 -16.31
CA ILE C 27 2.61 3.74 -17.66
C ILE C 27 3.34 2.87 -18.69
N SER C 28 4.60 2.55 -18.42
CA SER C 28 5.36 1.73 -19.37
C SER C 28 6.46 1.02 -18.68
N VAL C 29 6.92 -0.10 -19.31
CA VAL C 29 8.13 -0.79 -18.90
C VAL C 29 8.98 -0.94 -20.14
N LYS C 30 10.28 -0.67 -20.05
CA LYS C 30 11.20 -0.97 -21.15
C LYS C 30 12.11 -2.08 -20.68
N ILE C 31 12.24 -3.12 -21.46
CA ILE C 31 13.16 -4.23 -21.14
C ILE C 31 14.35 -4.08 -22.04
N PHE C 32 15.54 -3.85 -21.48
CA PHE C 32 16.78 -3.74 -22.29
C PHE C 32 17.42 -5.10 -22.36
N SER C 33 17.62 -5.61 -23.57
CA SER C 33 18.18 -6.95 -23.68
C SER C 33 19.05 -7.11 -24.88
N GLY C 34 19.86 -8.15 -24.81
CA GLY C 34 20.73 -8.55 -25.90
C GLY C 34 20.85 -10.07 -25.73
N ASP C 35 22.06 -10.53 -25.38
CA ASP C 35 22.23 -11.94 -25.06
C ASP C 35 21.38 -12.29 -23.83
N VAL C 36 21.32 -11.35 -22.85
CA VAL C 36 20.56 -11.51 -21.62
C VAL C 36 19.70 -10.26 -21.37
N VAL C 37 19.11 -10.16 -20.18
CA VAL C 37 18.37 -8.96 -19.81
C VAL C 37 19.36 -8.04 -19.11
N ASP C 38 19.64 -6.90 -19.75
CA ASP C 38 20.56 -5.91 -19.20
C ASP C 38 19.94 -5.07 -18.09
N GLY C 39 18.68 -4.71 -18.25
CA GLY C 39 18.04 -3.85 -17.25
C GLY C 39 16.65 -3.49 -17.67
N VAL C 40 16.01 -2.63 -16.87
CA VAL C 40 14.64 -2.22 -17.15
CA VAL C 40 14.64 -2.19 -17.15
C VAL C 40 14.47 -0.70 -16.87
N ASP C 41 13.57 -0.07 -17.61
CA ASP C 41 13.09 1.28 -17.30
C ASP C 41 11.66 1.06 -16.85
N VAL C 42 11.19 1.83 -15.88
CA VAL C 42 9.79 1.79 -15.49
C VAL C 42 9.31 3.24 -15.39
N THR C 43 8.25 3.59 -16.10
CA THR C 43 7.64 4.93 -16.05
C THR C 43 6.29 4.76 -15.38
N PHE C 44 6.03 5.61 -14.35
CA PHE C 44 4.82 5.39 -13.55
C PHE C 44 4.35 6.67 -12.87
N THR C 45 3.14 6.63 -12.32
CA THR C 45 2.64 7.76 -11.54
C THR C 45 2.75 7.42 -10.07
N TYR C 46 2.95 8.45 -9.23
CA TYR C 46 3.23 8.29 -7.82
C TYR C 46 2.86 9.55 -7.08
N TYR C 47 1.76 9.51 -6.30
CA TYR C 47 1.33 10.66 -5.47
C TYR C 47 1.28 12.00 -6.26
N GLY C 48 0.75 11.90 -7.47
CA GLY C 48 0.52 13.04 -8.34
C GLY C 48 1.61 13.32 -9.34
N LYS C 49 2.80 12.72 -9.15
CA LYS C 49 4.01 12.90 -9.97
C LYS C 49 4.16 11.79 -10.97
N THR C 50 4.85 12.07 -12.08
CA THR C 50 5.25 11.05 -13.05
C THR C 50 6.73 10.86 -12.87
N GLU C 51 7.19 9.59 -12.76
CA GLU C 51 8.59 9.27 -12.55
C GLU C 51 9.05 8.18 -13.50
N THR C 52 10.32 8.17 -13.82
CA THR C 52 10.97 7.11 -14.58
C THR C 52 12.15 6.66 -13.76
N ARG C 53 12.31 5.34 -13.61
CA ARG C 53 13.44 4.74 -12.92
C ARG C 53 14.08 3.69 -13.81
N HIS C 54 15.39 3.56 -13.72
CA HIS C 54 16.12 2.55 -14.46
C HIS C 54 16.83 1.64 -13.48
N TYR C 55 16.72 0.32 -13.71
CA TYR C 55 17.37 -0.68 -12.87
C TYR C 55 18.22 -1.57 -13.74
N GLY C 56 19.35 -2.03 -13.22
CA GLY C 56 20.25 -2.88 -13.99
C GLY C 56 21.23 -2.03 -14.78
N GLY C 57 21.87 -2.66 -15.74
CA GLY C 57 22.89 -2.06 -16.59
C GLY C 57 22.34 -1.26 -17.75
N SER C 58 23.27 -0.65 -18.55
CA SER C 58 22.93 0.26 -19.67
C SER C 58 23.04 -0.39 -21.09
N GLY C 59 23.43 -1.66 -21.17
CA GLY C 59 23.57 -2.35 -22.44
C GLY C 59 22.26 -2.86 -23.03
N GLY C 60 22.37 -3.57 -24.14
CA GLY C 60 21.21 -4.12 -24.81
C GLY C 60 20.43 -3.10 -25.60
N THR C 61 19.26 -3.52 -26.09
CA THR C 61 18.38 -2.65 -26.87
C THR C 61 17.05 -2.58 -26.15
N PRO C 62 16.36 -1.42 -26.11
CA PRO C 62 15.09 -1.36 -25.38
C PRO C 62 13.91 -1.97 -26.13
N HIS C 63 13.00 -2.62 -25.38
CA HIS C 63 11.76 -3.18 -25.88
C HIS C 63 10.66 -2.56 -24.99
N GLU C 64 9.86 -1.63 -25.50
CA GLU C 64 8.89 -0.93 -24.66
C GLU C 64 7.50 -1.53 -24.73
N ILE C 65 6.87 -1.63 -23.54
CA ILE C 65 5.48 -1.98 -23.39
C ILE C 65 4.80 -0.77 -22.78
N VAL C 66 3.92 -0.10 -23.53
CA VAL C 66 3.13 1.03 -23.03
C VAL C 66 1.76 0.49 -22.63
N LEU C 67 1.32 0.79 -21.40
CA LEU C 67 0.00 0.34 -20.93
C LEU C 67 -1.00 1.44 -21.15
N GLN C 68 -2.06 1.14 -21.90
CA GLN C 68 -3.11 2.11 -22.16
C GLN C 68 -4.05 2.20 -20.95
N GLU C 69 -5.03 3.13 -21.01
CA GLU C 69 -6.01 3.31 -19.92
C GLU C 69 -6.74 1.99 -19.70
N GLY C 70 -6.76 1.53 -18.46
CA GLY C 70 -7.39 0.27 -18.07
C GLY C 70 -6.62 -0.99 -18.46
N GLU C 71 -5.35 -0.84 -18.89
CA GLU C 71 -4.50 -1.98 -19.22
C GLU C 71 -3.55 -2.12 -18.06
N TYR C 72 -3.31 -3.36 -17.62
CA TYR C 72 -2.43 -3.56 -16.47
C TYR C 72 -1.64 -4.86 -16.64
N LEU C 73 -0.54 -4.98 -15.87
CA LEU C 73 0.38 -6.14 -15.96
C LEU C 73 -0.16 -7.26 -15.10
N VAL C 74 -0.45 -8.41 -15.73
CA VAL C 74 -1.04 -9.59 -15.07
C VAL C 74 -0.15 -10.82 -15.17
N GLY C 75 1.07 -10.64 -15.63
CA GLY C 75 1.97 -11.78 -15.67
C GLY C 75 3.39 -11.34 -15.93
N MET C 76 4.34 -12.12 -15.41
CA MET C 76 5.77 -11.92 -15.68
C MET C 76 6.38 -13.32 -15.79
N ALA C 77 7.28 -13.52 -16.74
CA ALA C 77 7.93 -14.84 -16.90
C ALA C 77 9.31 -14.68 -17.48
N GLY C 78 10.15 -15.68 -17.31
CA GLY C 78 11.48 -15.55 -17.89
C GLY C 78 12.34 -16.75 -17.60
N GLU C 79 13.65 -16.58 -17.73
CA GLU C 79 14.63 -17.67 -17.51
C GLU C 79 15.79 -17.10 -16.75
N VAL C 80 16.25 -17.83 -15.71
CA VAL C 80 17.42 -17.42 -14.94
C VAL C 80 18.59 -18.17 -15.57
N ALA C 81 19.59 -17.42 -16.03
CA ALA C 81 20.67 -18.01 -16.82
C ALA C 81 22.03 -17.71 -16.24
N ASN C 82 23.03 -18.43 -16.74
CA ASN C 82 24.42 -18.18 -16.36
C ASN C 82 25.04 -17.43 -17.51
N TYR C 83 25.65 -16.27 -17.24
CA TYR C 83 26.24 -15.43 -18.31
C TYR C 83 27.39 -14.64 -17.75
N THR C 84 28.58 -14.75 -18.42
CA THR C 84 29.86 -14.14 -17.99
C THR C 84 30.18 -14.59 -16.55
N GLY C 85 29.65 -15.76 -16.16
CA GLY C 85 29.87 -16.36 -14.84
C GLY C 85 28.89 -15.92 -13.77
N ALA C 86 28.00 -14.97 -14.11
CA ALA C 86 27.01 -14.48 -13.17
C ALA C 86 25.65 -15.16 -13.39
N VAL C 87 24.84 -15.21 -12.35
CA VAL C 87 23.48 -15.77 -12.45
C VAL C 87 22.56 -14.56 -12.65
N VAL C 88 21.95 -14.42 -13.82
CA VAL C 88 21.14 -13.22 -14.13
C VAL C 88 19.89 -13.62 -14.88
N LEU C 89 19.07 -12.62 -15.24
CA LEU C 89 17.92 -12.92 -16.09
C LEU C 89 18.41 -13.09 -17.52
N GLY C 90 18.20 -14.28 -18.08
CA GLY C 90 18.57 -14.57 -19.47
C GLY C 90 17.47 -14.14 -20.44
N LYS C 91 16.22 -14.19 -19.97
CA LYS C 91 15.02 -13.80 -20.74
C LYS C 91 14.01 -13.23 -19.77
N LEU C 92 13.17 -12.28 -20.25
CA LEU C 92 12.10 -11.70 -19.41
C LEU C 92 10.96 -11.26 -20.30
N GLY C 93 9.74 -11.57 -19.91
CA GLY C 93 8.55 -11.16 -20.65
C GLY C 93 7.44 -10.77 -19.68
N PHE C 94 6.39 -10.13 -20.20
CA PHE C 94 5.23 -9.70 -19.40
C PHE C 94 3.99 -9.94 -20.14
N SER C 95 2.88 -10.08 -19.40
CA SER C 95 1.56 -10.16 -20.03
C SER C 95 0.72 -9.07 -19.48
N THR C 96 -0.02 -8.43 -20.36
CA THR C 96 -1.03 -7.46 -19.92
C THR C 96 -2.37 -8.17 -19.96
N ASN C 97 -3.44 -7.49 -19.53
CA ASN C 97 -4.76 -8.13 -19.62
C ASN C 97 -5.23 -8.20 -21.06
N LYS C 98 -4.48 -7.58 -22.00
CA LYS C 98 -4.85 -7.62 -23.43
C LYS C 98 -3.96 -8.60 -24.22
N LYS C 99 -2.62 -8.54 -24.03
CA LYS C 99 -1.70 -9.35 -24.83
C LYS C 99 -0.47 -9.75 -24.04
N ALA C 100 0.25 -10.77 -24.51
CA ALA C 100 1.55 -11.18 -23.95
C ALA C 100 2.66 -10.59 -24.79
N TYR C 101 3.79 -10.24 -24.16
CA TYR C 101 4.97 -9.66 -24.83
C TYR C 101 6.19 -10.40 -24.44
N GLY C 102 7.14 -10.46 -25.35
CA GLY C 102 8.39 -11.16 -25.06
C GLY C 102 8.43 -12.47 -25.81
N PRO C 103 9.45 -13.30 -25.53
CA PRO C 103 10.52 -13.09 -24.54
C PRO C 103 11.50 -12.04 -24.98
N PHE C 104 12.13 -11.29 -24.01
CA PHE C 104 13.23 -10.39 -24.40
C PHE C 104 14.49 -10.94 -23.76
N GLY C 105 15.50 -11.22 -24.59
CA GLY C 105 16.72 -11.88 -24.13
C GLY C 105 16.87 -13.22 -24.84
N ASN C 106 18.12 -13.71 -24.93
CA ASN C 106 18.31 -14.91 -25.74
C ASN C 106 19.01 -16.04 -25.02
N THR C 107 19.26 -15.90 -23.72
CA THR C 107 19.96 -16.97 -23.02
C THR C 107 19.00 -17.76 -22.15
N GLY C 108 18.97 -19.06 -22.44
CA GLY C 108 18.14 -19.99 -21.72
C GLY C 108 18.70 -20.38 -20.37
N GLY C 109 17.83 -20.83 -19.52
CA GLY C 109 18.23 -21.29 -18.20
C GLY C 109 17.06 -21.90 -17.49
N THR C 110 16.94 -21.63 -16.21
CA THR C 110 15.84 -22.19 -15.42
C THR C 110 14.60 -21.31 -15.57
N PRO C 111 13.48 -21.87 -16.08
CA PRO C 111 12.30 -21.02 -16.27
C PRO C 111 11.61 -20.67 -14.98
N PHE C 112 10.94 -19.51 -15.02
CA PHE C 112 10.02 -19.12 -13.98
C PHE C 112 8.83 -18.47 -14.65
N SER C 113 7.71 -18.48 -13.92
CA SER C 113 6.50 -17.89 -14.43
C SER C 113 5.64 -17.42 -13.30
N LEU C 114 4.98 -16.27 -13.53
CA LEU C 114 4.07 -15.73 -12.54
C LEU C 114 2.77 -15.26 -13.19
N PRO C 115 1.82 -16.20 -13.37
CA PRO C 115 0.47 -15.80 -13.82
C PRO C 115 -0.26 -15.18 -12.64
N ILE C 116 -0.97 -14.07 -12.87
CA ILE C 116 -1.70 -13.41 -11.78
C ILE C 116 -3.18 -13.57 -12.10
N ALA C 117 -3.86 -14.53 -11.45
CA ALA C 117 -5.27 -14.81 -11.70
C ALA C 117 -6.16 -13.68 -11.20
N ALA C 118 -5.74 -12.99 -10.13
CA ALA C 118 -6.48 -11.86 -9.56
C ALA C 118 -5.49 -10.93 -8.97
N GLY C 119 -5.39 -9.76 -9.56
CA GLY C 119 -4.44 -8.75 -9.12
C GLY C 119 -3.63 -8.21 -10.27
N LYS C 120 -2.67 -7.36 -9.92
CA LYS C 120 -1.82 -6.72 -10.92
C LYS C 120 -0.46 -6.41 -10.34
N ILE C 121 0.53 -6.29 -11.24
CA ILE C 121 1.85 -5.86 -10.80
C ILE C 121 1.83 -4.34 -10.62
N SER C 122 2.32 -3.85 -9.47
CA SER C 122 2.35 -2.41 -9.20
C SER C 122 3.73 -1.83 -9.08
N GLY C 123 4.76 -2.67 -9.10
CA GLY C 123 6.12 -2.17 -8.97
C GLY C 123 7.13 -3.30 -8.95
N PHE C 124 8.41 -2.96 -8.87
CA PHE C 124 9.48 -3.91 -8.97
C PHE C 124 10.52 -3.80 -7.87
N PHE C 125 11.25 -4.87 -7.66
CA PHE C 125 12.41 -4.89 -6.79
C PHE C 125 13.34 -5.95 -7.34
N GLY C 126 14.57 -6.00 -6.84
CA GLY C 126 15.48 -7.02 -7.32
C GLY C 126 16.92 -6.62 -7.10
N ARG C 127 17.79 -7.10 -8.00
CA ARG C 127 19.22 -6.80 -7.94
C ARG C 127 19.71 -6.47 -9.33
N GLY C 128 20.65 -5.54 -9.40
CA GLY C 128 21.22 -5.18 -10.68
C GLY C 128 22.70 -4.85 -10.59
N GLY C 129 23.43 -5.16 -11.64
CA GLY C 129 24.86 -4.87 -11.72
C GLY C 129 25.16 -4.46 -13.15
N LYS C 130 26.03 -5.23 -13.83
CA LYS C 130 26.25 -4.98 -15.26
C LYS C 130 24.98 -5.39 -16.03
N PHE C 131 24.29 -6.42 -15.50
CA PHE C 131 23.03 -6.90 -16.11
C PHE C 131 21.92 -6.92 -15.04
N LEU C 132 20.76 -7.48 -15.36
CA LEU C 132 19.69 -7.56 -14.39
C LEU C 132 19.81 -8.89 -13.65
N ASP C 133 20.46 -8.87 -12.48
CA ASP C 133 20.69 -10.06 -11.70
C ASP C 133 19.40 -10.73 -11.26
N ALA C 134 18.41 -9.93 -10.84
CA ALA C 134 17.19 -10.55 -10.32
C ALA C 134 16.04 -9.57 -10.35
N ILE C 135 14.82 -10.10 -10.41
CA ILE C 135 13.66 -9.21 -10.41
C ILE C 135 12.52 -9.86 -9.68
N GLY C 136 11.76 -9.03 -8.96
CA GLY C 136 10.55 -9.46 -8.27
C GLY C 136 9.53 -8.38 -8.43
N VAL C 137 8.31 -8.66 -8.01
CA VAL C 137 7.22 -7.68 -8.17
C VAL C 137 6.42 -7.45 -6.91
N TYR C 138 5.90 -6.22 -6.82
CA TYR C 138 4.86 -5.86 -5.89
C TYR C 138 3.52 -6.21 -6.53
N LEU C 139 2.61 -6.79 -5.75
CA LEU C 139 1.28 -7.10 -6.27
C LEU C 139 0.21 -6.33 -5.54
N GLU C 140 -0.83 -5.95 -6.25
N GLU C 140 -0.83 -5.95 -6.28
CA GLU C 140 -1.94 -5.29 -5.59
CA GLU C 140 -1.97 -5.20 -5.75
C GLU C 140 -3.25 -5.81 -6.20
C GLU C 140 -3.26 -5.79 -6.24
N PRO C 141 -4.34 -5.71 -5.45
CA PRO C 141 -5.61 -6.22 -5.99
C PRO C 141 -6.17 -5.30 -7.07
N LEU C 142 -7.07 -5.84 -7.83
CA LEU C 142 -7.80 -5.07 -8.84
C LEU C 142 -8.85 -4.18 -8.16
N GLU C 143 -9.16 -3.04 -8.79
CA GLU C 143 -10.15 -2.10 -8.27
C GLU C 143 -11.58 -2.55 -8.59
N MET D 1 -12.29 -11.18 -5.53
CA MET D 1 -13.27 -10.36 -4.84
C MET D 1 -12.74 -9.94 -3.48
N ASN D 2 -13.24 -8.80 -2.97
CA ASN D 2 -12.89 -8.23 -1.66
C ASN D 2 -11.37 -8.08 -1.46
N GLY D 3 -10.70 -7.72 -2.55
CA GLY D 3 -9.29 -7.41 -2.49
C GLY D 3 -8.36 -8.61 -2.59
N ALA D 4 -8.86 -9.77 -3.02
CA ALA D 4 -7.99 -10.96 -3.08
C ALA D 4 -6.90 -10.81 -4.11
N ILE D 5 -5.79 -11.48 -3.83
CA ILE D 5 -4.68 -11.61 -4.79
C ILE D 5 -4.46 -13.10 -4.98
N LYS D 6 -4.55 -13.55 -6.24
CA LYS D 6 -4.38 -14.96 -6.60
C LYS D 6 -3.30 -15.09 -7.61
N VAL D 7 -2.34 -15.96 -7.34
CA VAL D 7 -1.24 -16.19 -8.29
C VAL D 7 -1.23 -17.67 -8.68
N GLY D 8 -0.86 -17.90 -9.92
CA GLY D 8 -1.00 -19.24 -10.49
C GLY D 8 -2.26 -19.25 -11.34
N ALA D 9 -2.83 -20.43 -11.64
CA ALA D 9 -2.29 -21.73 -11.26
C ALA D 9 -1.19 -22.14 -12.17
N TRP D 10 -0.32 -23.00 -11.65
CA TRP D 10 0.71 -23.69 -12.41
C TRP D 10 0.23 -25.10 -12.65
N GLY D 11 0.39 -25.57 -13.88
CA GLY D 11 -0.06 -26.91 -14.27
C GLY D 11 -0.88 -26.89 -15.54
N GLY D 12 -1.69 -27.91 -15.69
CA GLY D 12 -2.49 -28.10 -16.89
C GLY D 12 -3.92 -27.64 -16.83
N ASN D 13 -4.66 -27.91 -17.93
CA ASN D 13 -6.05 -27.47 -18.05
C ASN D 13 -7.11 -28.58 -17.92
N GLY D 14 -6.64 -29.80 -17.65
CA GLY D 14 -7.52 -30.94 -17.44
C GLY D 14 -8.16 -30.92 -16.06
N GLY D 15 -8.86 -32.00 -15.74
CA GLY D 15 -9.52 -32.10 -14.44
C GLY D 15 -10.65 -31.12 -14.28
N SER D 16 -11.01 -30.87 -13.01
CA SER D 16 -12.09 -29.92 -12.65
C SER D 16 -11.50 -28.84 -11.76
N ALA D 17 -11.91 -27.58 -11.97
CA ALA D 17 -11.39 -26.49 -11.14
C ALA D 17 -11.90 -26.57 -9.72
N PHE D 18 -11.05 -26.20 -8.78
CA PHE D 18 -11.45 -26.05 -7.38
C PHE D 18 -10.95 -24.69 -6.88
N ASP D 19 -11.61 -24.17 -5.82
CA ASP D 19 -11.23 -22.87 -5.30
C ASP D 19 -11.67 -22.79 -3.85
N MET D 20 -10.72 -22.89 -2.92
CA MET D 20 -11.01 -22.85 -1.47
C MET D 20 -11.44 -21.45 -1.03
N GLY D 21 -10.94 -20.42 -1.72
CA GLY D 21 -11.09 -19.04 -1.29
C GLY D 21 -10.04 -18.72 -0.23
N PRO D 22 -10.04 -17.47 0.24
CA PRO D 22 -9.01 -17.02 1.19
C PRO D 22 -9.47 -16.81 2.63
N ALA D 23 -10.66 -17.28 3.00
CA ALA D 23 -11.17 -16.92 4.32
C ALA D 23 -10.74 -17.80 5.46
N TYR D 24 -10.22 -19.00 5.17
CA TYR D 24 -9.97 -19.98 6.22
C TYR D 24 -8.54 -19.96 6.73
N ARG D 25 -8.35 -20.55 7.92
CA ARG D 25 -7.02 -20.68 8.50
C ARG D 25 -6.49 -22.07 8.18
N ILE D 26 -5.50 -22.13 7.28
CA ILE D 26 -4.89 -23.42 6.93
C ILE D 26 -4.07 -23.91 8.14
N ILE D 27 -4.31 -25.15 8.59
CA ILE D 27 -3.53 -25.71 9.67
C ILE D 27 -2.64 -26.87 9.18
N SER D 28 -3.00 -27.56 8.09
CA SER D 28 -2.11 -28.57 7.54
C SER D 28 -2.43 -28.83 6.08
N VAL D 29 -1.41 -29.29 5.36
CA VAL D 29 -1.52 -29.63 3.95
C VAL D 29 -0.92 -31.01 3.80
N LYS D 30 -1.65 -31.94 3.18
CA LYS D 30 -1.12 -33.27 2.95
C LYS D 30 -1.00 -33.46 1.47
N ILE D 31 0.23 -33.65 0.97
CA ILE D 31 0.48 -33.84 -0.47
C ILE D 31 0.58 -35.33 -0.72
N PHE D 32 -0.23 -35.84 -1.67
CA PHE D 32 -0.19 -37.26 -2.03
C PHE D 32 0.59 -37.41 -3.30
N SER D 33 1.62 -38.25 -3.31
CA SER D 33 2.42 -38.32 -4.52
C SER D 33 3.01 -39.68 -4.73
N GLY D 34 3.39 -39.93 -5.96
CA GLY D 34 4.11 -41.16 -6.35
C GLY D 34 5.00 -40.76 -7.48
N ASP D 35 4.69 -41.24 -8.70
CA ASP D 35 5.43 -40.74 -9.88
C ASP D 35 5.18 -39.24 -10.03
N VAL D 36 3.91 -38.80 -9.74
CA VAL D 36 3.52 -37.39 -9.86
C VAL D 36 2.77 -36.98 -8.59
N VAL D 37 2.23 -35.75 -8.58
CA VAL D 37 1.43 -35.32 -7.45
C VAL D 37 0.01 -35.77 -7.74
N ASP D 38 -0.48 -36.73 -6.94
CA ASP D 38 -1.83 -37.26 -7.15
C ASP D 38 -2.91 -36.32 -6.65
N GLY D 39 -2.67 -35.65 -5.54
CA GLY D 39 -3.69 -34.82 -4.98
C GLY D 39 -3.23 -34.21 -3.69
N VAL D 40 -4.10 -33.41 -3.07
N VAL D 40 -4.13 -33.49 -3.04
CA VAL D 40 -3.76 -32.70 -1.83
CA VAL D 40 -3.82 -32.84 -1.78
C VAL D 40 -4.97 -32.62 -0.91
C VAL D 40 -5.01 -32.86 -0.87
N ASP D 41 -4.73 -32.80 0.43
CA ASP D 41 -5.74 -32.56 1.45
C ASP D 41 -5.38 -31.25 2.07
N VAL D 42 -6.34 -30.33 2.19
CA VAL D 42 -6.11 -29.08 2.88
C VAL D 42 -7.02 -29.10 4.10
N THR D 43 -6.42 -28.96 5.31
CA THR D 43 -7.19 -28.93 6.53
C THR D 43 -7.12 -27.53 7.08
N PHE D 44 -8.29 -27.00 7.43
CA PHE D 44 -8.35 -25.64 7.89
C PHE D 44 -9.35 -25.51 9.02
N THR D 45 -9.25 -24.40 9.76
CA THR D 45 -10.21 -24.05 10.79
C THR D 45 -10.94 -22.79 10.38
N TYR D 46 -12.18 -22.68 10.87
CA TYR D 46 -13.03 -21.54 10.58
C TYR D 46 -14.09 -21.52 11.63
N TYR D 47 -14.18 -20.41 12.39
CA TYR D 47 -15.17 -20.27 13.46
C TYR D 47 -15.19 -21.50 14.40
N GLY D 48 -14.00 -21.97 14.76
CA GLY D 48 -13.84 -23.10 15.68
C GLY D 48 -14.06 -24.49 15.11
N LYS D 49 -14.46 -24.59 13.82
CA LYS D 49 -14.68 -25.88 13.16
C LYS D 49 -13.48 -26.26 12.33
N THR D 50 -13.13 -27.53 12.31
CA THR D 50 -12.03 -28.06 11.51
C THR D 50 -12.64 -28.84 10.33
N GLU D 51 -12.15 -28.58 9.10
CA GLU D 51 -12.64 -29.28 7.91
C GLU D 51 -11.47 -29.67 7.03
N THR D 52 -11.58 -30.78 6.28
CA THR D 52 -10.55 -31.21 5.32
C THR D 52 -11.18 -31.29 3.96
N ARG D 53 -10.53 -30.67 2.95
CA ARG D 53 -11.01 -30.82 1.55
C ARG D 53 -9.94 -31.58 0.81
N HIS D 54 -10.34 -32.56 -0.03
CA HIS D 54 -9.42 -33.33 -0.86
C HIS D 54 -9.58 -32.91 -2.30
N TYR D 55 -8.45 -32.66 -2.98
CA TYR D 55 -8.44 -32.30 -4.41
C TYR D 55 -7.55 -33.25 -5.14
N GLY D 56 -7.90 -33.62 -6.37
CA GLY D 56 -7.10 -34.61 -7.08
C GLY D 56 -7.61 -36.02 -6.84
N GLY D 57 -6.81 -37.01 -7.24
CA GLY D 57 -7.23 -38.41 -7.21
C GLY D 57 -6.89 -39.11 -5.91
N SER D 58 -7.04 -40.44 -5.92
CA SER D 58 -6.89 -41.21 -4.69
C SER D 58 -5.55 -41.94 -4.55
N GLY D 59 -4.65 -41.79 -5.52
CA GLY D 59 -3.38 -42.49 -5.51
C GLY D 59 -2.28 -41.80 -4.70
N GLY D 60 -1.10 -42.41 -4.73
CA GLY D 60 0.07 -41.85 -4.07
C GLY D 60 0.11 -42.08 -2.58
N THR D 61 1.22 -41.61 -1.97
CA THR D 61 1.56 -41.71 -0.55
CA THR D 61 1.36 -41.73 -0.52
C THR D 61 1.45 -40.32 0.08
N PRO D 62 0.93 -40.15 1.31
CA PRO D 62 0.85 -38.80 1.88
C PRO D 62 2.14 -38.26 2.46
N HIS D 63 2.28 -36.94 2.34
CA HIS D 63 3.41 -36.16 2.87
C HIS D 63 2.80 -34.98 3.59
N GLU D 64 2.79 -35.02 4.94
CA GLU D 64 2.04 -34.01 5.69
C GLU D 64 2.88 -32.85 6.19
N ILE D 65 2.34 -31.64 5.97
CA ILE D 65 2.91 -30.38 6.47
C ILE D 65 1.98 -29.88 7.55
N VAL D 66 2.36 -30.03 8.81
CA VAL D 66 1.55 -29.55 9.93
C VAL D 66 2.11 -28.18 10.35
N LEU D 67 1.28 -27.13 10.34
CA LEU D 67 1.76 -25.81 10.74
C LEU D 67 1.64 -25.62 12.25
N GLN D 68 2.76 -25.36 12.90
CA GLN D 68 2.75 -25.06 14.34
C GLN D 68 2.24 -23.64 14.57
N GLU D 69 2.00 -23.26 15.83
CA GLU D 69 1.59 -21.88 16.12
C GLU D 69 2.70 -20.92 15.68
N GLY D 70 2.31 -19.87 14.95
CA GLY D 70 3.26 -18.89 14.44
C GLY D 70 3.96 -19.31 13.15
N GLU D 71 3.56 -20.46 12.58
CA GLU D 71 4.16 -20.95 11.35
C GLU D 71 3.19 -20.77 10.21
N TYR D 72 3.72 -20.33 9.06
CA TYR D 72 2.86 -20.08 7.90
C TYR D 72 3.58 -20.40 6.62
N LEU D 73 2.79 -20.62 5.57
CA LEU D 73 3.34 -20.97 4.26
C LEU D 73 3.84 -19.73 3.54
N VAL D 74 5.13 -19.73 3.14
CA VAL D 74 5.75 -18.57 2.52
C VAL D 74 6.38 -18.86 1.17
N GLY D 75 6.16 -20.05 0.65
CA GLY D 75 6.72 -20.39 -0.65
C GLY D 75 6.14 -21.67 -1.21
N MET D 76 6.16 -21.80 -2.52
CA MET D 76 5.68 -23.00 -3.20
C MET D 76 6.52 -23.18 -4.43
N ALA D 77 6.85 -24.41 -4.79
CA ALA D 77 7.63 -24.64 -6.01
C ALA D 77 7.34 -26.03 -6.51
N GLY D 78 7.74 -26.31 -7.75
CA GLY D 78 7.52 -27.66 -8.25
C GLY D 78 7.86 -27.75 -9.71
N GLU D 79 7.27 -28.76 -10.37
CA GLU D 79 7.50 -29.00 -11.80
C GLU D 79 6.22 -29.39 -12.44
N VAL D 80 5.95 -28.81 -13.61
CA VAL D 80 4.79 -29.15 -14.45
C VAL D 80 5.27 -30.20 -15.44
N ALA D 81 4.66 -31.38 -15.38
CA ALA D 81 5.12 -32.52 -16.18
C ALA D 81 4.05 -33.10 -17.07
N ASN D 82 4.50 -33.83 -18.11
CA ASN D 82 3.63 -34.61 -18.97
C ASN D 82 3.65 -36.00 -18.42
N TYR D 83 2.50 -36.52 -18.07
CA TYR D 83 2.39 -37.85 -17.49
C TYR D 83 1.07 -38.50 -17.90
N THR D 84 1.16 -39.69 -18.54
CA THR D 84 -0.02 -40.41 -19.05
C THR D 84 -0.83 -39.54 -20.05
N GLY D 85 -0.14 -38.59 -20.71
CA GLY D 85 -0.76 -37.71 -21.69
C GLY D 85 -1.45 -36.48 -21.11
N ALA D 86 -1.34 -36.30 -19.79
CA ALA D 86 -1.92 -35.15 -19.09
C ALA D 86 -0.80 -34.22 -18.63
N VAL D 87 -1.12 -32.93 -18.51
CA VAL D 87 -0.17 -31.93 -18.04
C VAL D 87 -0.54 -31.72 -16.59
N VAL D 88 0.33 -32.19 -15.69
CA VAL D 88 0.02 -32.16 -14.26
C VAL D 88 1.19 -31.70 -13.42
N LEU D 89 1.00 -31.64 -12.09
CA LEU D 89 2.12 -31.35 -11.23
C LEU D 89 2.94 -32.63 -11.09
N GLY D 90 4.17 -32.61 -11.61
CA GLY D 90 5.06 -33.75 -11.48
C GLY D 90 5.72 -33.75 -10.11
N LYS D 91 5.98 -32.55 -9.57
CA LYS D 91 6.61 -32.34 -8.27
C LYS D 91 5.96 -31.11 -7.62
N LEU D 92 5.85 -31.11 -6.29
CA LEU D 92 5.29 -29.98 -5.56
C LEU D 92 5.87 -29.95 -4.19
N GLY D 93 6.32 -28.78 -3.79
CA GLY D 93 6.85 -28.55 -2.45
C GLY D 93 6.41 -27.20 -1.90
N PHE D 94 6.64 -26.99 -0.60
CA PHE D 94 6.32 -25.74 0.08
C PHE D 94 7.40 -25.39 1.06
N SER D 95 7.50 -24.10 1.34
CA SER D 95 8.34 -23.60 2.41
C SER D 95 7.45 -22.91 3.41
N THR D 96 7.82 -23.05 4.69
CA THR D 96 7.19 -22.26 5.75
C THR D 96 8.26 -21.30 6.25
N ASN D 97 7.92 -20.42 7.21
CA ASN D 97 8.92 -19.52 7.76
C ASN D 97 9.93 -20.30 8.64
N LYS D 98 9.67 -21.62 8.90
CA LYS D 98 10.53 -22.47 9.74
C LYS D 98 11.17 -23.64 9.00
N LYS D 99 10.47 -24.24 8.02
CA LYS D 99 10.91 -25.48 7.37
C LYS D 99 10.67 -25.47 5.88
N ALA D 100 11.41 -26.30 5.12
CA ALA D 100 11.24 -26.49 3.67
C ALA D 100 10.82 -27.93 3.47
N TYR D 101 9.75 -28.17 2.69
CA TYR D 101 9.22 -29.50 2.45
C TYR D 101 9.26 -29.89 1.01
N GLY D 102 9.71 -31.10 0.76
CA GLY D 102 9.74 -31.64 -0.58
C GLY D 102 10.82 -31.05 -1.47
N PRO D 103 10.57 -30.94 -2.78
CA PRO D 103 9.30 -31.28 -3.46
C PRO D 103 9.01 -32.77 -3.43
N PHE D 104 7.71 -33.08 -3.50
CA PHE D 104 7.22 -34.48 -3.53
C PHE D 104 6.76 -34.78 -4.92
N GLY D 105 7.04 -35.98 -5.40
CA GLY D 105 6.77 -36.37 -6.77
C GLY D 105 8.08 -36.67 -7.47
N ASN D 106 8.01 -37.48 -8.51
CA ASN D 106 9.24 -37.95 -9.14
C ASN D 106 9.32 -37.71 -10.64
N THR D 107 8.49 -36.82 -11.19
CA THR D 107 8.52 -36.57 -12.63
C THR D 107 8.89 -35.12 -12.89
N GLY D 108 9.98 -34.93 -13.60
CA GLY D 108 10.44 -33.60 -13.93
C GLY D 108 9.71 -33.03 -15.14
N GLY D 109 9.87 -31.76 -15.34
CA GLY D 109 9.26 -31.12 -16.48
C GLY D 109 9.68 -29.68 -16.49
N THR D 110 8.71 -28.78 -16.47
CA THR D 110 9.01 -27.35 -16.49
C THR D 110 8.96 -26.83 -15.07
N PRO D 111 10.07 -26.35 -14.52
CA PRO D 111 10.04 -25.85 -13.14
C PRO D 111 9.28 -24.57 -12.96
N PHE D 112 8.69 -24.42 -11.77
CA PHE D 112 8.11 -23.15 -11.36
C PHE D 112 8.54 -22.92 -9.91
N SER D 113 8.51 -21.65 -9.53
CA SER D 113 8.87 -21.28 -8.16
C SER D 113 8.20 -20.01 -7.75
N LEU D 114 7.70 -20.04 -6.51
CA LEU D 114 7.07 -18.91 -5.91
C LEU D 114 7.76 -18.55 -4.60
N PRO D 115 8.88 -17.81 -4.68
CA PRO D 115 9.45 -17.23 -3.47
C PRO D 115 8.60 -16.01 -3.07
N ILE D 116 8.32 -15.83 -1.79
CA ILE D 116 7.50 -14.70 -1.35
C ILE D 116 8.35 -13.84 -0.42
N ALA D 117 8.85 -12.71 -0.92
CA ALA D 117 9.69 -11.82 -0.12
C ALA D 117 8.90 -11.19 1.03
N ALA D 118 7.64 -10.85 0.77
CA ALA D 118 6.73 -10.26 1.75
C ALA D 118 5.33 -10.76 1.49
N GLY D 119 4.83 -11.52 2.46
CA GLY D 119 3.51 -12.11 2.39
C GLY D 119 3.51 -13.59 2.73
N LYS D 120 2.33 -14.17 2.66
CA LYS D 120 2.12 -15.57 2.97
C LYS D 120 0.92 -16.10 2.19
N ILE D 121 0.86 -17.41 2.08
CA ILE D 121 -0.23 -18.10 1.44
C ILE D 121 -1.41 -18.17 2.37
N SER D 122 -2.59 -17.80 1.84
CA SER D 122 -3.78 -17.81 2.66
C SER D 122 -4.90 -18.73 2.16
N GLY D 123 -4.70 -19.41 1.03
CA GLY D 123 -5.70 -20.29 0.48
C GLY D 123 -5.19 -20.87 -0.82
N PHE D 124 -5.95 -21.84 -1.35
CA PHE D 124 -5.59 -22.56 -2.57
C PHE D 124 -6.70 -22.59 -3.58
N PHE D 125 -6.29 -22.72 -4.83
CA PHE D 125 -7.21 -23.00 -5.94
C PHE D 125 -6.41 -23.84 -6.95
N GLY D 126 -7.09 -24.37 -7.97
CA GLY D 126 -6.34 -25.17 -8.95
C GLY D 126 -7.29 -26.08 -9.68
N ARG D 127 -6.77 -27.22 -10.17
CA ARG D 127 -7.58 -28.20 -10.91
C ARG D 127 -7.16 -29.59 -10.49
N GLY D 128 -8.13 -30.49 -10.34
CA GLY D 128 -7.82 -31.87 -9.99
C GLY D 128 -8.63 -32.86 -10.81
N GLY D 129 -8.03 -34.01 -11.09
CA GLY D 129 -8.69 -35.10 -11.83
C GLY D 129 -8.22 -36.40 -11.19
N LYS D 130 -7.59 -37.29 -11.99
CA LYS D 130 -6.96 -38.45 -11.41
C LYS D 130 -5.70 -38.02 -10.63
N PHE D 131 -5.04 -36.96 -11.13
CA PHE D 131 -3.88 -36.37 -10.47
C PHE D 131 -4.15 -34.91 -10.16
N LEU D 132 -3.13 -34.20 -9.62
CA LEU D 132 -3.31 -32.79 -9.34
C LEU D 132 -2.88 -32.01 -10.57
N ASP D 133 -3.87 -31.66 -11.43
CA ASP D 133 -3.56 -30.96 -12.67
C ASP D 133 -2.88 -29.62 -12.48
N ALA D 134 -3.35 -28.84 -11.48
CA ALA D 134 -2.82 -27.48 -11.33
C ALA D 134 -3.04 -26.97 -9.93
N ILE D 135 -2.19 -26.03 -9.50
CA ILE D 135 -2.35 -25.43 -8.18
C ILE D 135 -1.96 -23.94 -8.25
N GLY D 136 -2.72 -23.13 -7.52
CA GLY D 136 -2.42 -21.71 -7.34
C GLY D 136 -2.73 -21.33 -5.91
N VAL D 137 -2.30 -20.12 -5.52
CA VAL D 137 -2.50 -19.67 -4.14
C VAL D 137 -3.05 -18.26 -4.02
N TYR D 138 -3.78 -18.05 -2.95
CA TYR D 138 -4.18 -16.72 -2.49
C TYR D 138 -3.06 -16.19 -1.62
N LEU D 139 -2.82 -14.87 -1.67
CA LEU D 139 -1.78 -14.24 -0.86
C LEU D 139 -2.34 -13.16 0.04
N GLU D 140 -1.61 -12.91 1.15
CA GLU D 140 -1.95 -11.83 2.05
C GLU D 140 -0.66 -11.39 2.75
N PRO D 141 -0.61 -10.17 3.26
CA PRO D 141 0.64 -9.70 3.90
C PRO D 141 0.97 -10.48 5.17
N LEU D 142 2.26 -10.41 5.55
CA LEU D 142 2.77 -11.05 6.76
C LEU D 142 2.10 -10.41 7.99
N GLU D 143 1.93 -9.08 7.96
CA GLU D 143 1.30 -8.33 9.06
C GLU D 143 0.64 -7.06 8.52
#